data_6B7J
#
_entry.id   6B7J
#
_cell.length_a   40.520
_cell.length_b   85.263
_cell.length_c   49.932
_cell.angle_alpha   90.00
_cell.angle_beta   97.11
_cell.angle_gamma   90.00
#
_symmetry.space_group_name_H-M   'P 1 21 1'
#
loop_
_entity.id
_entity.type
_entity.pdbx_description
1 polymer '3-hydroxydecanoyl-[acyl-carrier-protein] dehydratase'
2 non-polymer 'FORMIC ACID'
3 water water
#
_entity_poly.entity_id   1
_entity_poly.type   'polypeptide(L)'
_entity_poly.pdbx_seq_one_letter_code
;SNAMQNKRDSYNREDLLASSQGELFGEGYPQLPAPNMLMMDRITKMSETEGEFGKGLILAELDITPDLWFFDCHFPGDPV
MPGCLGLDAMWQLVGFFLGWVGGKGKGRALGVGEVKFTGQILPTAKKVTYEINMKRVVNRKLVMGLADGRVLVDGKEIYV
AKDLKVGLFQDTSAF
;
_entity_poly.pdbx_strand_id   A,B
#
# COMPACT_ATOMS: atom_id res chain seq x y z
N ASN A 2 30.00 18.07 -0.17
CA ASN A 2 28.97 17.29 -0.87
C ASN A 2 29.25 15.79 -0.76
N ALA A 3 30.29 15.43 -0.03
CA ALA A 3 30.61 14.02 0.18
C ALA A 3 29.55 13.37 1.06
N MET A 4 29.13 12.17 0.67
CA MET A 4 28.06 11.49 1.38
C MET A 4 28.49 11.16 2.81
N GLN A 5 27.56 11.34 3.73
CA GLN A 5 27.80 11.05 5.13
C GLN A 5 26.90 9.91 5.59
N ASN A 6 27.26 9.33 6.74
CA ASN A 6 26.42 8.37 7.46
C ASN A 6 26.16 7.09 6.67
N LYS A 7 27.06 6.69 5.78
CA LYS A 7 26.91 5.40 5.11
C LYS A 7 27.51 4.32 6.01
N ARG A 8 26.68 3.41 6.47
CA ARG A 8 27.09 2.32 7.35
C ARG A 8 26.10 1.18 7.15
N ASP A 9 26.28 0.08 7.87
CA ASP A 9 25.52 -1.13 7.58
C ASP A 9 24.29 -1.32 8.45
N SER A 10 23.97 -0.36 9.32
CA SER A 10 22.75 -0.44 10.12
C SER A 10 22.32 0.97 10.52
N TYR A 11 21.03 1.12 10.81
CA TYR A 11 20.44 2.41 11.14
C TYR A 11 19.39 2.24 12.22
N ASN A 12 19.35 3.18 13.16
CA ASN A 12 18.37 3.17 14.24
C ASN A 12 17.20 4.08 13.89
N ARG A 13 16.23 4.19 14.81
CA ARG A 13 15.01 4.92 14.48
C ARG A 13 15.28 6.40 14.26
N GLU A 14 16.15 7.01 15.08
CA GLU A 14 16.48 8.42 14.87
C GLU A 14 17.13 8.64 13.50
N ASP A 15 17.96 7.68 13.06
CA ASP A 15 18.52 7.77 11.71
C ASP A 15 17.42 7.78 10.66
N LEU A 16 16.41 6.92 10.85
CA LEU A 16 15.31 6.87 9.89
C LEU A 16 14.54 8.18 9.89
N LEU A 17 14.32 8.77 11.07
CA LEU A 17 13.70 10.09 11.12
C LEU A 17 14.56 11.12 10.41
N ALA A 18 15.88 11.06 10.60
CA ALA A 18 16.76 11.99 9.92
C ALA A 18 16.68 11.82 8.40
N SER A 19 16.52 10.59 7.93
CA SER A 19 16.26 10.38 6.51
C SER A 19 15.00 11.08 6.08
N SER A 20 13.92 10.94 6.86
CA SER A 20 12.64 11.54 6.48
C SER A 20 12.74 13.06 6.42
N GLN A 21 13.64 13.65 7.20
CA GLN A 21 13.83 15.10 7.21
C GLN A 21 14.90 15.56 6.23
N GLY A 22 15.44 14.65 5.43
CA GLY A 22 16.46 15.01 4.45
C GLY A 22 17.81 15.34 5.03
N GLU A 23 18.16 14.78 6.18
N GLU A 23 18.16 14.76 6.18
CA GLU A 23 19.42 15.10 6.85
CA GLU A 23 19.40 15.10 6.87
C GLU A 23 20.40 13.95 6.97
C GLU A 23 20.40 13.96 6.98
N LEU A 24 19.97 12.71 6.82
CA LEU A 24 20.83 11.56 7.12
C LEU A 24 22.06 11.51 6.22
N PHE A 25 21.87 11.42 4.91
CA PHE A 25 22.99 11.24 4.01
C PHE A 25 23.57 12.54 3.51
N GLY A 26 22.91 13.66 3.75
CA GLY A 26 23.23 14.94 3.19
C GLY A 26 21.98 15.57 2.61
N GLU A 27 22.16 16.47 1.68
CA GLU A 27 21.05 17.19 1.05
C GLU A 27 20.78 16.60 -0.33
N GLY A 28 19.51 16.43 -0.65
CA GLY A 28 19.11 15.97 -1.97
C GLY A 28 19.03 14.47 -2.15
N TYR A 29 19.16 13.70 -1.08
CA TYR A 29 18.99 12.26 -1.16
C TYR A 29 17.53 11.91 -0.96
N PRO A 30 17.11 10.73 -1.39
CA PRO A 30 15.71 10.34 -1.17
C PRO A 30 15.40 10.26 0.32
N GLN A 31 14.13 10.48 0.64
CA GLN A 31 13.66 10.51 2.00
C GLN A 31 12.76 9.31 2.29
N LEU A 32 12.99 8.67 3.43
CA LEU A 32 11.97 7.82 4.01
C LEU A 32 10.77 8.69 4.39
N PRO A 33 9.59 8.10 4.54
CA PRO A 33 8.47 8.84 5.12
C PRO A 33 8.70 9.07 6.60
N ALA A 34 8.09 10.10 7.11
CA ALA A 34 8.01 10.33 8.54
C ALA A 34 6.77 9.61 9.09
N PRO A 35 6.68 9.42 10.40
CA PRO A 35 5.41 8.94 10.97
C PRO A 35 4.31 9.90 10.52
N ASN A 36 3.13 9.36 10.18
CA ASN A 36 2.72 7.98 10.44
C ASN A 36 2.81 7.05 9.24
N MET A 37 3.59 7.41 8.22
CA MET A 37 3.81 6.52 7.10
C MET A 37 5.09 5.69 7.22
N LEU A 38 5.97 6.01 8.17
CA LEU A 38 7.19 5.22 8.35
C LEU A 38 6.83 3.84 8.90
N MET A 39 7.30 2.77 8.24
CA MET A 39 6.84 1.43 8.59
C MET A 39 7.96 0.54 9.12
N MET A 40 9.01 1.13 9.69
CA MET A 40 10.14 0.41 10.26
CA MET A 40 10.12 0.40 10.26
CA MET A 40 10.00 0.35 10.37
C MET A 40 10.66 1.20 11.45
N ASP A 41 11.23 0.50 12.41
CA ASP A 41 11.93 1.11 13.54
C ASP A 41 13.43 1.10 13.35
N ARG A 42 13.97 0.10 12.65
CA ARG A 42 15.42 -0.01 12.51
C ARG A 42 15.74 -0.81 11.26
N ILE A 43 16.90 -0.51 10.71
CA ILE A 43 17.47 -1.29 9.62
C ILE A 43 18.66 -2.03 10.21
N THR A 44 18.56 -3.36 10.28
CA THR A 44 19.60 -4.14 10.93
C THR A 44 20.73 -4.53 10.00
N LYS A 45 20.51 -4.47 8.68
CA LYS A 45 21.56 -4.79 7.73
C LYS A 45 21.33 -4.09 6.40
N MET A 46 22.36 -3.38 5.93
CA MET A 46 22.44 -2.91 4.56
C MET A 46 23.72 -3.49 3.96
N SER A 47 23.61 -4.14 2.80
CA SER A 47 24.78 -4.66 2.10
C SER A 47 24.57 -4.48 0.61
N GLU A 48 25.63 -4.11 -0.09
CA GLU A 48 25.57 -3.94 -1.53
C GLU A 48 25.80 -5.23 -2.31
N THR A 49 26.34 -6.26 -1.67
CA THR A 49 26.77 -7.46 -2.39
C THR A 49 26.16 -8.76 -1.86
N GLU A 50 25.37 -8.72 -0.80
CA GLU A 50 24.72 -9.91 -0.27
C GLU A 50 23.32 -10.03 -0.84
N GLY A 51 22.60 -11.04 -0.37
CA GLY A 51 21.25 -11.33 -0.83
C GLY A 51 21.23 -12.39 -1.93
N GLU A 52 20.00 -12.80 -2.28
CA GLU A 52 19.81 -13.91 -3.19
C GLU A 52 20.45 -13.67 -4.56
N PHE A 53 20.55 -12.43 -4.99
CA PHE A 53 21.08 -12.10 -6.30
C PHE A 53 22.49 -11.51 -6.25
N GLY A 54 23.08 -11.42 -5.06
CA GLY A 54 24.41 -10.84 -4.94
C GLY A 54 24.49 -9.38 -5.29
N LYS A 55 23.36 -8.67 -5.22
CA LYS A 55 23.29 -7.28 -5.66
C LYS A 55 22.70 -6.37 -4.61
N GLY A 56 22.52 -6.86 -3.39
CA GLY A 56 22.01 -6.03 -2.32
C GLY A 56 21.09 -6.75 -1.39
N LEU A 57 21.25 -6.50 -0.08
CA LEU A 57 20.39 -7.10 0.93
C LEU A 57 20.05 -6.03 1.96
N ILE A 58 18.76 -5.89 2.24
CA ILE A 58 18.30 -5.00 3.31
C ILE A 58 17.48 -5.82 4.29
N LEU A 59 17.84 -5.76 5.57
CA LEU A 59 17.05 -6.37 6.63
C LEU A 59 16.58 -5.24 7.54
N ALA A 60 15.28 -5.23 7.84
CA ALA A 60 14.74 -4.18 8.70
C ALA A 60 13.61 -4.76 9.53
N GLU A 61 13.18 -4.02 10.55
CA GLU A 61 12.11 -4.54 11.38
C GLU A 61 11.29 -3.40 11.97
N LEU A 62 10.07 -3.76 12.35
CA LEU A 62 9.10 -2.88 12.97
C LEU A 62 8.61 -3.54 14.25
N ASP A 63 8.70 -2.82 15.38
CA ASP A 63 8.16 -3.35 16.62
C ASP A 63 6.65 -3.14 16.63
N ILE A 64 5.89 -4.15 17.03
CA ILE A 64 4.43 -4.07 17.02
C ILE A 64 3.95 -3.74 18.43
N THR A 65 3.31 -2.58 18.59
CA THR A 65 2.81 -2.13 19.86
C THR A 65 1.36 -1.70 19.67
N PRO A 66 0.53 -1.75 20.73
CA PRO A 66 -0.91 -1.60 20.54
C PRO A 66 -1.37 -0.18 20.26
N ASP A 67 -0.51 0.82 20.39
CA ASP A 67 -0.87 2.19 20.07
C ASP A 67 -0.88 2.48 18.57
N LEU A 68 -0.28 1.61 17.75
CA LEU A 68 -0.12 1.93 16.34
C LEU A 68 -1.46 2.24 15.69
N TRP A 69 -1.53 3.40 15.04
CA TRP A 69 -2.80 4.01 14.63
C TRP A 69 -3.62 3.11 13.71
N PHE A 70 -2.96 2.31 12.87
CA PHE A 70 -3.72 1.56 11.87
C PHE A 70 -4.58 0.45 12.48
N PHE A 71 -4.30 -0.02 13.69
CA PHE A 71 -5.07 -1.13 14.22
C PHE A 71 -6.52 -0.75 14.49
N ASP A 72 -6.75 0.43 15.11
CA ASP A 72 -8.11 0.78 15.50
C ASP A 72 -9.00 1.01 14.29
N CYS A 73 -8.45 1.58 13.21
CA CYS A 73 -9.29 1.95 12.09
C CYS A 73 -9.35 0.86 11.03
N HIS A 74 -8.54 -0.18 11.15
CA HIS A 74 -8.43 -1.18 10.09
C HIS A 74 -8.33 -2.54 10.79
N PHE A 75 -9.46 -3.10 11.20
CA PHE A 75 -10.80 -2.52 11.14
C PHE A 75 -11.38 -2.47 12.54
N PRO A 76 -12.38 -1.63 12.77
CA PRO A 76 -13.01 -1.61 14.09
C PRO A 76 -13.50 -3.00 14.50
N GLY A 77 -13.09 -3.43 15.69
CA GLY A 77 -13.40 -4.76 16.19
C GLY A 77 -12.62 -5.89 15.54
N ASP A 78 -11.71 -5.59 14.62
CA ASP A 78 -10.99 -6.63 13.87
C ASP A 78 -9.65 -6.05 13.44
N PRO A 79 -8.75 -5.79 14.38
CA PRO A 79 -7.50 -5.09 14.07
C PRO A 79 -6.57 -5.97 13.26
N VAL A 80 -5.98 -5.38 12.22
CA VAL A 80 -5.01 -6.06 11.38
C VAL A 80 -4.19 -5.02 10.63
N MET A 81 -2.86 -5.15 10.65
CA MET A 81 -2.05 -4.17 9.94
C MET A 81 -2.37 -4.23 8.44
N PRO A 82 -2.66 -3.10 7.79
CA PRO A 82 -2.91 -3.15 6.34
C PRO A 82 -1.72 -3.74 5.60
N GLY A 83 -2.01 -4.71 4.73
CA GLY A 83 -0.96 -5.28 3.88
C GLY A 83 -0.28 -4.22 3.03
N CYS A 84 -1.02 -3.17 2.64
CA CYS A 84 -0.43 -2.16 1.79
C CYS A 84 0.70 -1.42 2.49
N LEU A 85 0.66 -1.36 3.82
CA LEU A 85 1.72 -0.67 4.56
C LEU A 85 2.97 -1.52 4.69
N GLY A 86 2.82 -2.83 4.80
CA GLY A 86 3.98 -3.72 4.72
C GLY A 86 4.57 -3.73 3.33
N LEU A 87 3.72 -3.72 2.30
CA LEU A 87 4.20 -3.53 0.94
C LEU A 87 4.94 -2.22 0.81
N ASP A 88 4.39 -1.14 1.39
CA ASP A 88 5.08 0.13 1.30
C ASP A 88 6.43 0.10 2.00
N ALA A 89 6.52 -0.58 3.16
CA ALA A 89 7.80 -0.70 3.82
C ALA A 89 8.85 -1.25 2.86
N MET A 90 8.47 -2.23 2.05
CA MET A 90 9.40 -2.80 1.07
C MET A 90 9.81 -1.79 0.01
N TRP A 91 8.84 -1.04 -0.55
CA TRP A 91 9.20 0.05 -1.46
C TRP A 91 10.09 1.08 -0.77
N GLN A 92 9.77 1.42 0.49
CA GLN A 92 10.58 2.40 1.25
C GLN A 92 12.02 1.92 1.35
N LEU A 93 12.22 0.63 1.59
CA LEU A 93 13.57 0.09 1.76
C LEU A 93 14.34 0.07 0.45
N VAL A 94 13.67 -0.24 -0.66
CA VAL A 94 14.35 -0.18 -1.96
C VAL A 94 14.80 1.24 -2.26
N GLY A 95 13.92 2.21 -2.03
CA GLY A 95 14.30 3.61 -2.19
C GLY A 95 15.45 4.01 -1.28
N PHE A 96 15.44 3.51 -0.04
CA PHE A 96 16.51 3.84 0.89
C PHE A 96 17.84 3.31 0.37
N PHE A 97 17.84 2.08 -0.16
CA PHE A 97 19.06 1.50 -0.76
C PHE A 97 19.57 2.37 -1.90
N LEU A 98 18.67 2.92 -2.72
CA LEU A 98 19.12 3.75 -3.84
C LEU A 98 19.87 4.98 -3.36
N GLY A 99 19.39 5.60 -2.27
CA GLY A 99 20.13 6.71 -1.70
C GLY A 99 21.40 6.26 -1.00
N TRP A 100 21.33 5.12 -0.32
CA TRP A 100 22.47 4.59 0.44
C TRP A 100 23.67 4.28 -0.47
N VAL A 101 23.43 3.86 -1.72
CA VAL A 101 24.52 3.61 -2.65
C VAL A 101 24.94 4.88 -3.38
N GLY A 102 24.38 6.02 -2.97
CA GLY A 102 24.81 7.31 -3.49
C GLY A 102 23.84 7.98 -4.44
N GLY A 103 22.69 7.38 -4.73
CA GLY A 103 21.75 7.98 -5.66
C GLY A 103 21.09 9.21 -5.07
N LYS A 104 20.86 10.22 -5.91
CA LYS A 104 20.25 11.45 -5.46
C LYS A 104 18.93 11.67 -6.18
N GLY A 105 18.03 12.38 -5.51
CA GLY A 105 16.73 12.69 -6.04
C GLY A 105 15.63 12.21 -5.12
N LYS A 106 14.40 12.51 -5.52
CA LYS A 106 13.21 12.14 -4.76
C LYS A 106 12.81 10.72 -5.15
N GLY A 107 12.45 9.92 -4.15
CA GLY A 107 12.01 8.56 -4.41
C GLY A 107 10.53 8.53 -4.79
N ARG A 108 10.21 7.66 -5.75
CA ARG A 108 8.83 7.36 -6.10
C ARG A 108 8.75 5.87 -6.40
N ALA A 109 7.87 5.16 -5.70
CA ALA A 109 7.58 3.79 -6.08
C ALA A 109 7.01 3.77 -7.48
N LEU A 110 7.50 2.82 -8.29
CA LEU A 110 7.05 2.69 -9.67
C LEU A 110 6.15 1.49 -9.91
N GLY A 111 6.17 0.50 -9.03
CA GLY A 111 5.23 -0.59 -9.10
C GLY A 111 5.81 -1.86 -8.53
N VAL A 112 5.13 -2.97 -8.83
CA VAL A 112 5.51 -4.28 -8.31
C VAL A 112 4.93 -5.31 -9.26
N GLY A 113 5.60 -6.45 -9.37
CA GLY A 113 5.20 -7.47 -10.31
C GLY A 113 4.09 -8.37 -9.82
N GLU A 114 4.20 -8.83 -8.59
CA GLU A 114 3.22 -9.75 -8.03
C GLU A 114 3.40 -9.76 -6.52
N VAL A 115 2.29 -9.66 -5.80
CA VAL A 115 2.30 -9.64 -4.34
C VAL A 115 1.32 -10.68 -3.84
N LYS A 116 1.74 -11.49 -2.87
CA LYS A 116 0.84 -12.47 -2.25
C LYS A 116 0.88 -12.27 -0.75
N PHE A 117 -0.30 -12.16 -0.14
CA PHE A 117 -0.45 -12.07 1.31
C PHE A 117 -1.04 -13.40 1.78
N THR A 118 -0.30 -14.14 2.60
CA THR A 118 -0.74 -15.45 3.09
C THR A 118 -0.92 -15.46 4.60
N GLY A 119 -0.87 -14.31 5.24
CA GLY A 119 -1.10 -14.21 6.67
C GLY A 119 -1.24 -12.76 7.04
N GLN A 120 -1.33 -12.51 8.35
CA GLN A 120 -1.67 -11.18 8.83
C GLN A 120 -0.86 -10.83 10.08
N ILE A 121 -0.84 -9.53 10.36
CA ILE A 121 -0.14 -8.95 11.51
C ILE A 121 -1.19 -8.43 12.48
N LEU A 122 -1.27 -9.04 13.66
CA LEU A 122 -2.21 -8.66 14.71
C LEU A 122 -1.49 -7.84 15.76
N PRO A 123 -2.24 -7.08 16.58
CA PRO A 123 -1.59 -6.32 17.67
C PRO A 123 -0.83 -7.17 18.64
N THR A 124 -1.15 -8.46 18.74
CA THR A 124 -0.45 -9.35 19.66
C THR A 124 0.93 -9.75 19.18
N ALA A 125 1.25 -9.52 17.91
CA ALA A 125 2.58 -9.85 17.39
C ALA A 125 3.64 -8.99 18.07
N LYS A 126 4.88 -9.50 18.07
CA LYS A 126 5.99 -8.74 18.63
C LYS A 126 6.73 -7.94 17.56
N LYS A 127 7.09 -8.58 16.45
CA LYS A 127 7.97 -7.93 15.49
C LYS A 127 7.58 -8.35 14.09
N VAL A 128 7.62 -7.37 13.19
CA VAL A 128 7.55 -7.61 11.76
C VAL A 128 8.94 -7.41 11.19
N THR A 129 9.40 -8.37 10.40
CA THR A 129 10.71 -8.21 9.78
C THR A 129 10.58 -8.16 8.27
N TYR A 130 11.49 -7.42 7.65
CA TYR A 130 11.50 -7.22 6.22
C TYR A 130 12.83 -7.71 5.67
N GLU A 131 12.77 -8.41 4.53
CA GLU A 131 13.97 -8.89 3.85
CA GLU A 131 13.97 -8.89 3.85
C GLU A 131 13.85 -8.48 2.38
N ILE A 132 14.78 -7.66 1.92
CA ILE A 132 14.79 -7.15 0.56
C ILE A 132 16.02 -7.69 -0.15
N ASN A 133 15.79 -8.38 -1.26
CA ASN A 133 16.88 -8.93 -2.07
C ASN A 133 16.92 -8.15 -3.37
N MET A 134 17.87 -7.23 -3.46
CA MET A 134 17.98 -6.41 -4.66
C MET A 134 18.42 -7.27 -5.83
N LYS A 135 17.76 -7.07 -6.98
CA LYS A 135 18.12 -7.72 -8.22
C LYS A 135 19.12 -6.90 -9.01
N ARG A 136 18.86 -5.61 -9.17
N ARG A 136 18.91 -5.58 -9.05
CA ARG A 136 19.85 -4.73 -9.77
CA ARG A 136 19.60 -4.71 -10.01
C ARG A 136 19.39 -3.29 -9.65
C ARG A 136 19.34 -3.25 -9.63
N VAL A 137 20.36 -2.40 -9.80
CA VAL A 137 20.17 -0.96 -9.79
C VAL A 137 20.68 -0.44 -11.13
N VAL A 138 19.88 0.40 -11.76
CA VAL A 138 20.21 0.97 -13.06
C VAL A 138 20.45 2.46 -12.89
N ASN A 139 21.46 2.97 -13.61
CA ASN A 139 21.75 4.40 -13.64
C ASN A 139 21.92 4.90 -15.07
N ARG A 140 21.64 4.08 -16.07
CA ARG A 140 21.86 4.40 -17.48
C ARG A 140 21.24 5.74 -17.85
N LYS A 141 19.90 5.78 -17.90
CA LYS A 141 19.18 7.04 -18.05
C LYS A 141 18.55 7.42 -16.71
N LEU A 142 17.51 6.71 -16.29
CA LEU A 142 16.91 6.93 -14.98
C LEU A 142 17.73 6.24 -13.89
N VAL A 143 17.36 6.51 -12.65
CA VAL A 143 17.88 5.79 -11.49
C VAL A 143 16.75 4.92 -10.97
N MET A 144 16.93 3.60 -11.02
CA MET A 144 15.86 2.68 -10.67
CA MET A 144 15.87 2.69 -10.65
C MET A 144 16.44 1.48 -9.94
N GLY A 145 15.70 0.98 -8.95
CA GLY A 145 16.07 -0.22 -8.23
C GLY A 145 14.98 -1.26 -8.38
N LEU A 146 15.38 -2.52 -8.55
CA LEU A 146 14.48 -3.64 -8.69
C LEU A 146 14.84 -4.67 -7.64
N ALA A 147 13.83 -5.23 -6.98
CA ALA A 147 14.10 -6.18 -5.90
C ALA A 147 12.92 -7.13 -5.72
N ASP A 148 13.21 -8.26 -5.08
CA ASP A 148 12.18 -9.08 -4.48
C ASP A 148 12.21 -8.85 -2.97
N GLY A 149 11.06 -9.01 -2.32
CA GLY A 149 10.99 -8.79 -0.89
C GLY A 149 10.04 -9.74 -0.21
N ARG A 150 10.28 -9.91 1.10
CA ARG A 150 9.33 -10.66 1.91
C ARG A 150 9.16 -9.98 3.26
N VAL A 151 8.01 -10.24 3.86
CA VAL A 151 7.65 -9.74 5.18
C VAL A 151 7.30 -10.94 6.04
N LEU A 152 7.86 -10.97 7.25
CA LEU A 152 7.60 -12.02 8.23
C LEU A 152 7.04 -11.38 9.49
N VAL A 153 6.18 -12.13 10.18
CA VAL A 153 5.66 -11.71 11.47
C VAL A 153 6.08 -12.76 12.49
N ASP A 154 6.88 -12.34 13.47
CA ASP A 154 7.46 -13.26 14.45
C ASP A 154 8.01 -14.52 13.78
N GLY A 155 8.71 -14.35 12.66
CA GLY A 155 9.42 -15.43 12.01
C GLY A 155 8.63 -16.17 10.95
N LYS A 156 7.34 -15.89 10.82
CA LYS A 156 6.48 -16.57 9.85
C LYS A 156 6.34 -15.72 8.60
N GLU A 157 6.76 -16.24 7.46
CA GLU A 157 6.59 -15.51 6.21
C GLU A 157 5.10 -15.32 5.92
N ILE A 158 4.72 -14.07 5.60
CA ILE A 158 3.32 -13.76 5.32
C ILE A 158 3.10 -12.96 4.05
N TYR A 159 4.06 -12.14 3.64
CA TYR A 159 3.95 -11.41 2.38
C TYR A 159 5.17 -11.68 1.53
N VAL A 160 4.96 -11.88 0.24
N VAL A 160 4.96 -11.83 0.22
CA VAL A 160 6.03 -11.97 -0.73
CA VAL A 160 6.03 -12.02 -0.74
C VAL A 160 5.70 -11.02 -1.87
C VAL A 160 5.75 -11.14 -1.95
N ALA A 161 6.70 -10.28 -2.32
CA ALA A 161 6.54 -9.37 -3.43
C ALA A 161 7.66 -9.59 -4.42
N LYS A 162 7.31 -9.69 -5.70
CA LYS A 162 8.30 -9.87 -6.74
C LYS A 162 8.38 -8.60 -7.57
N ASP A 163 9.61 -8.21 -7.90
CA ASP A 163 9.87 -7.10 -8.81
C ASP A 163 9.33 -5.76 -8.28
N LEU A 164 9.56 -5.51 -6.99
CA LEU A 164 9.42 -4.16 -6.47
C LEU A 164 10.29 -3.20 -7.27
N LYS A 165 9.71 -2.10 -7.71
CA LYS A 165 10.45 -1.14 -8.54
C LYS A 165 10.29 0.24 -7.93
N VAL A 166 11.42 0.94 -7.72
CA VAL A 166 11.42 2.31 -7.22
C VAL A 166 12.38 3.12 -8.07
N GLY A 167 12.02 4.36 -8.37
CA GLY A 167 12.89 5.27 -9.09
C GLY A 167 13.27 6.49 -8.27
N LEU A 168 14.37 7.13 -8.63
CA LEU A 168 14.78 8.41 -8.06
C LEU A 168 14.67 9.48 -9.13
N PHE A 169 14.11 10.63 -8.76
CA PHE A 169 13.80 11.70 -9.70
C PHE A 169 14.28 13.03 -9.14
N GLN A 170 15.10 13.74 -9.91
CA GLN A 170 15.53 15.07 -9.50
C GLN A 170 14.39 16.07 -9.55
N ASP A 171 13.50 15.92 -10.53
CA ASP A 171 12.38 16.83 -10.71
C ASP A 171 11.11 15.98 -10.84
N THR A 172 10.19 16.13 -9.89
CA THR A 172 8.93 15.43 -9.90
C THR A 172 7.76 16.31 -10.31
N SER A 173 8.03 17.55 -10.75
CA SER A 173 6.96 18.49 -11.04
C SER A 173 6.04 17.97 -12.13
N ALA A 174 6.56 17.24 -13.10
CA ALA A 174 5.76 16.66 -14.18
C ALA A 174 5.64 15.14 -14.08
N PHE A 175 5.90 14.58 -12.90
CA PHE A 175 5.80 13.13 -12.70
C PHE A 175 4.35 12.70 -12.80
N ALA B 3 -33.33 -9.31 3.36
CA ALA B 3 -32.47 -9.35 4.55
C ALA B 3 -31.39 -8.29 4.46
N MET B 4 -30.90 -8.05 3.25
CA MET B 4 -29.87 -7.05 3.02
C MET B 4 -30.49 -5.67 2.96
N GLN B 5 -29.98 -4.75 3.77
CA GLN B 5 -30.44 -3.37 3.80
C GLN B 5 -29.43 -2.47 3.13
N ASN B 6 -29.91 -1.30 2.70
CA ASN B 6 -29.05 -0.27 2.10
C ASN B 6 -28.38 -0.74 0.82
N LYS B 7 -29.04 -1.62 0.07
CA LYS B 7 -28.54 -2.07 -1.22
C LYS B 7 -28.98 -1.06 -2.27
N ARG B 8 -28.02 -0.33 -2.83
CA ARG B 8 -28.28 0.65 -3.87
C ARG B 8 -27.01 0.79 -4.71
N ASP B 9 -27.06 1.65 -5.72
CA ASP B 9 -25.94 1.74 -6.65
C ASP B 9 -24.95 2.87 -6.34
N SER B 10 -25.09 3.54 -5.19
CA SER B 10 -24.15 4.58 -4.81
C SER B 10 -24.17 4.74 -3.31
N TYR B 11 -23.06 5.26 -2.77
CA TYR B 11 -22.89 5.41 -1.33
C TYR B 11 -22.14 6.71 -1.04
N ASN B 12 -22.54 7.38 0.04
CA ASN B 12 -21.91 8.62 0.46
C ASN B 12 -20.93 8.35 1.60
N ARG B 13 -20.26 9.40 2.07
CA ARG B 13 -19.23 9.19 3.08
C ARG B 13 -19.82 8.64 4.38
N GLU B 14 -21.01 9.11 4.75
CA GLU B 14 -21.68 8.57 5.94
C GLU B 14 -21.88 7.06 5.80
N ASP B 15 -22.28 6.60 4.61
CA ASP B 15 -22.43 5.16 4.38
C ASP B 15 -21.10 4.43 4.53
N LEU B 16 -20.01 5.02 4.04
CA LEU B 16 -18.70 4.37 4.16
C LEU B 16 -18.29 4.25 5.62
N LEU B 17 -18.58 5.29 6.42
CA LEU B 17 -18.32 5.19 7.85
C LEU B 17 -19.16 4.10 8.48
N ALA B 18 -20.44 4.01 8.08
CA ALA B 18 -21.30 2.95 8.58
C ALA B 18 -20.75 1.57 8.23
N SER B 19 -20.23 1.41 7.01
CA SER B 19 -19.57 0.16 6.63
C SER B 19 -18.42 -0.16 7.58
N SER B 20 -17.60 0.84 7.90
CA SER B 20 -16.46 0.61 8.76
C SER B 20 -16.89 0.14 10.15
N GLN B 21 -18.07 0.54 10.60
CA GLN B 21 -18.62 0.11 11.87
C GLN B 21 -19.42 -1.18 11.77
N GLY B 22 -19.53 -1.75 10.57
CA GLY B 22 -20.30 -2.96 10.38
C GLY B 22 -21.79 -2.74 10.42
N GLU B 23 -22.26 -1.52 10.12
CA GLU B 23 -23.69 -1.22 10.24
C GLU B 23 -24.37 -0.93 8.92
N LEU B 24 -23.63 -0.74 7.82
CA LEU B 24 -24.27 -0.41 6.55
C LEU B 24 -25.10 -1.58 6.04
N PHE B 25 -24.48 -2.74 5.89
CA PHE B 25 -25.18 -3.95 5.50
C PHE B 25 -25.57 -4.84 6.68
N GLY B 26 -24.79 -4.81 7.77
CA GLY B 26 -25.17 -5.46 9.01
C GLY B 26 -24.08 -6.37 9.53
N GLU B 27 -24.45 -7.18 10.53
CA GLU B 27 -23.49 -8.08 11.17
C GLU B 27 -23.05 -9.15 10.19
N GLY B 28 -21.75 -9.43 10.19
CA GLY B 28 -21.18 -10.48 9.37
C GLY B 28 -20.67 -10.04 8.02
N TYR B 29 -20.99 -8.83 7.59
CA TYR B 29 -20.54 -8.32 6.30
C TYR B 29 -19.18 -7.65 6.46
N PRO B 30 -18.37 -7.64 5.40
CA PRO B 30 -17.04 -7.02 5.50
C PRO B 30 -17.16 -5.54 5.77
N GLN B 31 -16.07 -4.99 6.30
CA GLN B 31 -16.02 -3.58 6.69
C GLN B 31 -14.98 -2.85 5.86
N LEU B 32 -15.34 -1.66 5.39
CA LEU B 32 -14.34 -0.72 4.94
C LEU B 32 -13.50 -0.28 6.13
N PRO B 33 -12.29 0.23 5.92
CA PRO B 33 -11.57 0.84 7.03
C PRO B 33 -12.22 2.16 7.41
N ALA B 34 -12.02 2.55 8.66
CA ALA B 34 -12.36 3.88 9.13
C ALA B 34 -11.21 4.83 8.85
N PRO B 35 -11.43 6.14 8.91
CA PRO B 35 -10.30 7.08 8.89
C PRO B 35 -9.35 6.71 10.02
N ASN B 36 -8.04 6.78 9.78
CA ASN B 36 -7.43 7.41 8.61
C ASN B 36 -7.00 6.45 7.50
N MET B 37 -7.50 5.21 7.50
CA MET B 37 -7.20 4.28 6.43
C MET B 37 -8.24 4.32 5.30
N LEU B 38 -9.38 4.98 5.52
CA LEU B 38 -10.40 5.08 4.47
C LEU B 38 -9.91 6.01 3.37
N MET B 39 -9.93 5.53 2.12
CA MET B 39 -9.26 6.24 1.03
C MET B 39 -10.22 6.74 -0.05
N MET B 40 -11.48 6.95 0.31
CA MET B 40 -12.43 7.54 -0.62
C MET B 40 -13.50 8.27 0.16
N ASP B 41 -14.17 9.18 -0.53
CA ASP B 41 -15.26 9.98 0.00
C ASP B 41 -16.62 9.45 -0.42
N ARG B 42 -16.72 8.85 -1.60
CA ARG B 42 -18.02 8.44 -2.09
C ARG B 42 -17.82 7.34 -3.12
N ILE B 43 -18.85 6.52 -3.27
CA ILE B 43 -18.91 5.52 -4.33
C ILE B 43 -20.04 5.99 -5.25
N THR B 44 -19.69 6.38 -6.48
CA THR B 44 -20.68 6.94 -7.39
C THR B 44 -21.42 5.88 -8.21
N LYS B 45 -20.87 4.67 -8.35
CA LYS B 45 -21.54 3.61 -9.07
C LYS B 45 -21.11 2.25 -8.59
N MET B 46 -22.10 1.40 -8.32
CA MET B 46 -21.91 -0.03 -8.10
CA MET B 46 -21.90 -0.03 -8.12
C MET B 46 -22.83 -0.76 -9.07
N SER B 47 -22.27 -1.69 -9.83
CA SER B 47 -23.06 -2.48 -10.76
C SER B 47 -22.54 -3.91 -10.73
N GLU B 48 -23.45 -4.87 -10.74
CA GLU B 48 -23.05 -6.27 -10.79
C GLU B 48 -22.78 -6.73 -12.21
N THR B 49 -23.33 -6.03 -13.21
CA THR B 49 -23.36 -6.47 -14.59
C THR B 49 -22.45 -5.68 -15.52
N GLU B 50 -22.09 -4.46 -15.16
CA GLU B 50 -21.27 -3.61 -16.01
C GLU B 50 -19.80 -3.90 -15.77
N GLY B 51 -18.92 -3.11 -16.38
CA GLY B 51 -17.49 -3.32 -16.27
C GLY B 51 -16.93 -4.05 -17.49
N GLU B 52 -15.60 -4.01 -17.58
CA GLU B 52 -14.93 -4.52 -18.78
C GLU B 52 -15.22 -6.00 -19.02
N PHE B 53 -15.47 -6.75 -17.95
CA PHE B 53 -15.70 -8.19 -18.05
C PHE B 53 -17.16 -8.56 -17.83
N GLY B 54 -18.04 -7.58 -17.67
CA GLY B 54 -19.45 -7.85 -17.44
C GLY B 54 -19.75 -8.52 -16.13
N LYS B 55 -18.84 -8.47 -15.17
CA LYS B 55 -19.03 -9.12 -13.88
C LYS B 55 -18.94 -8.15 -12.72
N GLY B 56 -18.98 -6.85 -12.99
CA GLY B 56 -19.02 -5.85 -11.94
C GLY B 56 -18.20 -4.62 -12.23
N LEU B 57 -18.71 -3.47 -11.78
N LEU B 57 -18.72 -3.47 -11.80
CA LEU B 57 -18.06 -2.18 -11.99
CA LEU B 57 -18.04 -2.20 -11.97
C LEU B 57 -18.25 -1.33 -10.74
C LEU B 57 -18.23 -1.39 -10.71
N ILE B 58 -17.15 -0.78 -10.23
CA ILE B 58 -17.21 0.14 -9.09
C ILE B 58 -16.50 1.42 -9.51
N LEU B 59 -17.18 2.56 -9.34
CA LEU B 59 -16.58 3.88 -9.50
C LEU B 59 -16.64 4.59 -8.16
N ALA B 60 -15.50 5.15 -7.75
CA ALA B 60 -15.42 5.84 -6.46
C ALA B 60 -14.47 7.01 -6.57
N GLU B 61 -14.54 7.91 -5.59
CA GLU B 61 -13.83 9.18 -5.67
C GLU B 61 -13.28 9.57 -4.32
N LEU B 62 -12.13 10.23 -4.34
CA LEU B 62 -11.56 10.87 -3.15
C LEU B 62 -11.27 12.33 -3.50
N ASP B 63 -11.84 13.25 -2.73
CA ASP B 63 -11.53 14.67 -2.91
C ASP B 63 -10.16 14.96 -2.29
N ILE B 64 -9.37 15.77 -2.97
CA ILE B 64 -8.01 16.07 -2.53
C ILE B 64 -7.96 17.46 -1.91
N THR B 65 -7.47 17.53 -0.67
CA THR B 65 -7.16 18.78 0.02
C THR B 65 -5.74 18.68 0.54
N PRO B 66 -5.04 19.81 0.70
CA PRO B 66 -3.66 19.75 1.20
C PRO B 66 -3.57 19.33 2.66
N ASP B 67 -4.69 19.24 3.36
CA ASP B 67 -4.69 18.88 4.77
C ASP B 67 -4.79 17.37 5.01
N LEU B 68 -4.99 16.58 3.96
CA LEU B 68 -5.02 15.13 4.14
C LEU B 68 -3.73 14.66 4.82
N TRP B 69 -3.89 13.78 5.81
CA TRP B 69 -2.83 13.52 6.79
C TRP B 69 -1.54 13.05 6.14
N PHE B 70 -1.63 12.29 5.06
CA PHE B 70 -0.42 11.68 4.52
C PHE B 70 0.50 12.67 3.82
N PHE B 71 0.00 13.85 3.45
CA PHE B 71 0.84 14.75 2.67
C PHE B 71 2.01 15.28 3.48
N ASP B 72 1.76 15.61 4.75
CA ASP B 72 2.81 16.21 5.59
C ASP B 72 3.96 15.24 5.85
N CYS B 73 3.65 13.96 6.03
CA CYS B 73 4.68 12.98 6.40
C CYS B 73 5.26 12.24 5.21
N HIS B 74 4.68 12.35 4.03
CA HIS B 74 5.08 11.52 2.90
C HIS B 74 5.14 12.42 1.67
N PHE B 75 6.27 13.10 1.47
CA PHE B 75 7.43 13.14 2.35
C PHE B 75 7.56 14.58 2.83
N PRO B 76 8.24 14.80 3.96
CA PRO B 76 8.40 16.19 4.44
C PRO B 76 9.02 17.07 3.37
N GLY B 77 8.32 18.14 3.01
CA GLY B 77 8.78 19.02 1.96
C GLY B 77 8.55 18.53 0.54
N ASP B 78 7.99 17.35 0.37
CA ASP B 78 7.75 16.75 -0.95
C ASP B 78 6.45 15.97 -0.84
N PRO B 79 5.32 16.66 -0.69
CA PRO B 79 4.04 15.95 -0.44
C PRO B 79 3.58 15.17 -1.66
N VAL B 80 3.22 13.92 -1.45
CA VAL B 80 2.68 13.09 -2.52
C VAL B 80 1.88 11.96 -1.89
N MET B 81 0.67 11.69 -2.39
CA MET B 81 -0.11 10.62 -1.78
C MET B 81 0.61 9.29 -1.97
N PRO B 82 0.76 8.49 -0.92
CA PRO B 82 1.41 7.18 -1.09
C PRO B 82 0.67 6.33 -2.11
N GLY B 83 1.41 5.79 -3.07
CA GLY B 83 0.79 4.88 -4.02
C GLY B 83 0.15 3.68 -3.34
N CYS B 84 0.74 3.22 -2.22
CA CYS B 84 0.18 2.07 -1.52
C CYS B 84 -1.23 2.34 -1.03
N LEU B 85 -1.58 3.60 -0.76
CA LEU B 85 -2.93 3.90 -0.29
C LEU B 85 -3.94 3.94 -1.42
N GLY B 86 -3.53 4.36 -2.62
CA GLY B 86 -4.39 4.23 -3.78
C GLY B 86 -4.57 2.79 -4.18
N LEU B 87 -3.50 1.99 -4.06
CA LEU B 87 -3.64 0.55 -4.22
C LEU B 87 -4.58 -0.04 -3.18
N ASP B 88 -4.45 0.40 -1.93
CA ASP B 88 -5.37 -0.12 -0.91
C ASP B 88 -6.80 0.29 -1.19
N ALA B 89 -7.02 1.51 -1.68
CA ALA B 89 -8.38 1.91 -2.02
C ALA B 89 -9.02 0.91 -2.99
N MET B 90 -8.23 0.43 -3.96
CA MET B 90 -8.73 -0.56 -4.91
C MET B 90 -9.08 -1.87 -4.21
N TRP B 91 -8.19 -2.36 -3.34
CA TRP B 91 -8.52 -3.54 -2.56
C TRP B 91 -9.78 -3.34 -1.72
N GLN B 92 -9.89 -2.18 -1.07
CA GLN B 92 -11.07 -1.86 -0.25
CA GLN B 92 -11.07 -1.96 -0.24
C GLN B 92 -12.35 -1.98 -1.07
N LEU B 93 -12.30 -1.47 -2.31
CA LEU B 93 -13.49 -1.46 -3.16
C LEU B 93 -13.85 -2.86 -3.64
N VAL B 94 -12.86 -3.69 -3.96
CA VAL B 94 -13.15 -5.08 -4.29
C VAL B 94 -13.83 -5.78 -3.12
N GLY B 95 -13.29 -5.60 -1.91
CA GLY B 95 -13.93 -6.17 -0.73
C GLY B 95 -15.34 -5.63 -0.52
N PHE B 96 -15.54 -4.33 -0.76
CA PHE B 96 -16.86 -3.75 -0.59
C PHE B 96 -17.86 -4.39 -1.53
N PHE B 97 -17.46 -4.59 -2.79
CA PHE B 97 -18.31 -5.26 -3.77
C PHE B 97 -18.73 -6.64 -3.27
N LEU B 98 -17.80 -7.39 -2.66
CA LEU B 98 -18.10 -8.74 -2.19
C LEU B 98 -19.20 -8.72 -1.14
N GLY B 99 -19.18 -7.74 -0.23
CA GLY B 99 -20.27 -7.61 0.72
C GLY B 99 -21.54 -7.08 0.07
N TRP B 100 -21.37 -6.15 -0.88
CA TRP B 100 -22.52 -5.55 -1.55
C TRP B 100 -23.37 -6.58 -2.27
N VAL B 101 -22.75 -7.61 -2.83
CA VAL B 101 -23.48 -8.67 -3.54
C VAL B 101 -23.97 -9.73 -2.57
N GLY B 102 -23.76 -9.52 -1.28
CA GLY B 102 -24.26 -10.42 -0.25
C GLY B 102 -23.23 -11.29 0.43
N GLY B 103 -21.95 -11.13 0.12
CA GLY B 103 -20.93 -11.98 0.73
C GLY B 103 -20.76 -11.67 2.21
N LYS B 104 -20.53 -12.71 3.00
CA LYS B 104 -20.36 -12.60 4.43
C LYS B 104 -18.93 -12.93 4.82
N GLY B 105 -18.40 -12.20 5.79
CA GLY B 105 -17.09 -12.48 6.36
C GLY B 105 -16.24 -11.22 6.45
N LYS B 106 -15.11 -11.38 7.13
CA LYS B 106 -14.14 -10.30 7.26
C LYS B 106 -13.27 -10.24 6.01
N GLY B 107 -13.03 -9.03 5.53
CA GLY B 107 -12.23 -8.84 4.34
C GLY B 107 -10.75 -8.83 4.65
N ARG B 108 -9.98 -9.51 3.78
CA ARG B 108 -8.53 -9.40 3.78
C ARG B 108 -8.06 -9.32 2.34
N ALA B 109 -7.24 -8.31 2.04
CA ALA B 109 -6.52 -8.32 0.77
C ALA B 109 -5.63 -9.56 0.71
N LEU B 110 -5.62 -10.23 -0.44
CA LEU B 110 -4.82 -11.43 -0.62
C LEU B 110 -3.68 -11.26 -1.60
N GLY B 111 -3.73 -10.25 -2.46
CA GLY B 111 -2.60 -10.00 -3.33
C GLY B 111 -3.00 -9.21 -4.56
N VAL B 112 -2.03 -9.07 -5.46
CA VAL B 112 -2.24 -8.36 -6.71
C VAL B 112 -1.20 -8.89 -7.69
N GLY B 113 -1.52 -8.82 -8.98
CA GLY B 113 -0.54 -9.06 -10.03
C GLY B 113 0.13 -7.73 -10.31
N GLU B 114 0.40 -7.43 -11.57
CA GLU B 114 1.23 -6.28 -11.89
C GLU B 114 0.56 -4.99 -11.46
N VAL B 115 1.33 -4.13 -10.79
CA VAL B 115 0.93 -2.76 -10.47
C VAL B 115 1.95 -1.82 -11.10
N LYS B 116 1.47 -0.81 -11.83
CA LYS B 116 2.32 0.21 -12.41
C LYS B 116 1.87 1.59 -11.95
N PHE B 117 2.81 2.39 -11.45
CA PHE B 117 2.58 3.78 -11.09
C PHE B 117 3.26 4.64 -12.14
N THR B 118 2.47 5.45 -12.85
CA THR B 118 2.98 6.33 -13.91
C THR B 118 2.63 7.78 -13.66
N GLY B 119 2.32 8.11 -12.41
CA GLY B 119 2.01 9.49 -12.06
C GLY B 119 1.83 9.58 -10.57
N GLN B 120 1.39 10.74 -10.10
CA GLN B 120 1.33 11.00 -8.68
C GLN B 120 0.15 11.94 -8.38
N ILE B 121 -0.19 11.98 -7.10
CA ILE B 121 -1.27 12.79 -6.56
C ILE B 121 -0.65 13.82 -5.64
N LEU B 122 -0.72 15.07 -6.04
CA LEU B 122 -0.21 16.22 -5.29
C LEU B 122 -1.34 16.87 -4.52
N PRO B 123 -1.02 17.64 -3.47
CA PRO B 123 -2.08 18.28 -2.67
C PRO B 123 -2.83 19.34 -3.45
N THR B 124 -2.29 19.81 -4.57
CA THR B 124 -2.96 20.75 -5.46
C THR B 124 -3.95 20.07 -6.40
N ALA B 125 -3.99 18.75 -6.45
CA ALA B 125 -4.96 18.05 -7.27
C ALA B 125 -6.37 18.27 -6.73
N LYS B 126 -7.36 18.01 -7.58
CA LYS B 126 -8.75 18.16 -7.18
C LYS B 126 -9.40 16.84 -6.77
N LYS B 127 -9.26 15.79 -7.57
CA LYS B 127 -10.06 14.61 -7.31
C LYS B 127 -9.40 13.37 -7.88
N VAL B 128 -9.36 12.32 -7.07
CA VAL B 128 -8.87 11.01 -7.48
C VAL B 128 -10.09 10.14 -7.76
N THR B 129 -10.08 9.47 -8.91
CA THR B 129 -11.15 8.55 -9.25
C THR B 129 -10.62 7.12 -9.31
N TYR B 130 -11.38 6.20 -8.75
CA TYR B 130 -11.05 4.79 -8.76
C TYR B 130 -12.04 4.06 -9.65
N GLU B 131 -11.52 3.18 -10.51
N GLU B 131 -11.53 3.20 -10.52
CA GLU B 131 -12.36 2.38 -11.41
CA GLU B 131 -12.37 2.37 -11.37
C GLU B 131 -11.96 0.92 -11.24
C GLU B 131 -11.95 0.94 -11.19
N ILE B 132 -12.89 0.09 -10.79
CA ILE B 132 -12.65 -1.33 -10.57
C ILE B 132 -13.50 -2.12 -11.55
N ASN B 133 -12.86 -2.99 -12.32
CA ASN B 133 -13.55 -3.87 -13.24
C ASN B 133 -13.41 -5.28 -12.68
N MET B 134 -14.49 -5.78 -12.09
CA MET B 134 -14.50 -7.12 -11.51
C MET B 134 -14.33 -8.17 -12.60
N LYS B 135 -13.44 -9.13 -12.37
CA LYS B 135 -13.21 -10.25 -13.27
C LYS B 135 -13.92 -11.52 -12.83
N ARG B 136 -13.93 -11.80 -11.52
CA ARG B 136 -14.48 -13.06 -11.04
C ARG B 136 -14.86 -12.90 -9.58
N VAL B 137 -15.99 -13.49 -9.21
CA VAL B 137 -16.40 -13.64 -7.83
C VAL B 137 -16.60 -15.12 -7.59
N VAL B 138 -15.79 -15.71 -6.72
CA VAL B 138 -15.80 -17.14 -6.47
C VAL B 138 -16.51 -17.37 -5.16
N ASN B 139 -17.68 -18.01 -5.22
CA ASN B 139 -18.56 -18.19 -4.07
C ASN B 139 -18.31 -19.56 -3.45
N ARG B 140 -17.26 -19.64 -2.66
CA ARG B 140 -16.97 -20.79 -1.82
C ARG B 140 -17.03 -20.35 -0.35
N LYS B 141 -16.62 -21.24 0.56
CA LYS B 141 -16.55 -20.88 1.97
C LYS B 141 -15.68 -19.64 2.15
N LEU B 142 -14.51 -19.63 1.54
CA LEU B 142 -13.74 -18.40 1.36
C LEU B 142 -14.25 -17.73 0.09
N VAL B 143 -14.94 -16.61 0.23
CA VAL B 143 -15.40 -15.86 -0.92
C VAL B 143 -14.22 -15.06 -1.46
N MET B 144 -13.97 -15.17 -2.76
CA MET B 144 -12.84 -14.51 -3.39
C MET B 144 -13.35 -13.57 -4.47
N GLY B 145 -12.74 -12.40 -4.55
CA GLY B 145 -12.98 -11.47 -5.63
C GLY B 145 -11.68 -11.15 -6.35
N LEU B 146 -11.72 -11.17 -7.68
CA LEU B 146 -10.60 -10.81 -8.53
C LEU B 146 -11.04 -9.67 -9.45
N ALA B 147 -10.15 -8.70 -9.66
CA ALA B 147 -10.51 -7.52 -10.43
C ALA B 147 -9.25 -6.86 -11.00
N ASP B 148 -9.46 -6.07 -12.04
CA ASP B 148 -8.47 -5.11 -12.48
C ASP B 148 -8.95 -3.73 -12.04
N GLY B 149 -8.02 -2.85 -11.75
CA GLY B 149 -8.39 -1.53 -11.28
C GLY B 149 -7.45 -0.46 -11.81
N ARG B 150 -7.94 0.77 -11.82
CA ARG B 150 -7.06 1.87 -12.16
C ARG B 150 -7.45 3.09 -11.35
N VAL B 151 -6.47 3.98 -11.22
CA VAL B 151 -6.63 5.22 -10.46
C VAL B 151 -6.27 6.36 -11.39
N LEU B 152 -7.13 7.38 -11.40
CA LEU B 152 -6.92 8.56 -12.22
C LEU B 152 -6.93 9.75 -11.29
N VAL B 153 -6.17 10.79 -11.64
CA VAL B 153 -6.24 12.04 -10.92
C VAL B 153 -6.50 13.16 -11.92
N ASP B 154 -7.62 13.85 -11.76
CA ASP B 154 -7.98 14.97 -12.63
C ASP B 154 -7.85 14.62 -14.12
N GLY B 155 -8.32 13.42 -14.48
CA GLY B 155 -8.33 13.01 -15.87
C GLY B 155 -7.12 12.23 -16.35
N LYS B 156 -6.07 12.13 -15.56
CA LYS B 156 -4.84 11.43 -15.94
C LYS B 156 -4.79 10.07 -15.25
N GLU B 157 -4.70 9.00 -16.06
CA GLU B 157 -4.45 7.69 -15.51
C GLU B 157 -3.06 7.63 -14.90
N ILE B 158 -2.97 7.22 -13.64
CA ILE B 158 -1.67 7.18 -12.94
C ILE B 158 -1.32 5.83 -12.34
N TYR B 159 -2.31 5.05 -11.94
CA TYR B 159 -2.02 3.72 -11.40
C TYR B 159 -2.87 2.69 -12.11
N VAL B 160 -2.29 1.51 -12.36
N VAL B 160 -2.26 1.56 -12.45
CA VAL B 160 -2.99 0.41 -13.03
CA VAL B 160 -3.00 0.42 -12.95
C VAL B 160 -2.61 -0.89 -12.32
C VAL B 160 -2.62 -0.77 -12.08
N ALA B 161 -3.60 -1.61 -11.79
CA ALA B 161 -3.37 -2.83 -11.03
C ALA B 161 -4.14 -3.97 -11.70
N LYS B 162 -3.46 -5.06 -11.99
CA LYS B 162 -4.09 -6.23 -12.57
C LYS B 162 -4.20 -7.32 -11.52
N ASP B 163 -5.34 -8.00 -11.50
CA ASP B 163 -5.54 -9.18 -10.66
C ASP B 163 -5.45 -8.85 -9.17
N LEU B 164 -6.05 -7.72 -8.78
CA LEU B 164 -6.38 -7.47 -7.38
C LEU B 164 -7.20 -8.63 -6.85
N LYS B 165 -6.80 -9.17 -5.70
CA LYS B 165 -7.46 -10.33 -5.12
CA LYS B 165 -7.46 -10.33 -5.12
C LYS B 165 -7.78 -10.05 -3.66
N VAL B 166 -9.04 -10.26 -3.29
CA VAL B 166 -9.50 -10.07 -1.91
C VAL B 166 -10.34 -11.28 -1.52
N GLY B 167 -10.27 -11.65 -0.25
CA GLY B 167 -11.08 -12.72 0.28
C GLY B 167 -11.90 -12.29 1.47
N LEU B 168 -13.06 -12.95 1.63
CA LEU B 168 -13.93 -12.79 2.79
C LEU B 168 -13.83 -14.05 3.64
N PHE B 169 -13.40 -13.88 4.89
CA PHE B 169 -13.08 -15.00 5.78
C PHE B 169 -14.15 -15.15 6.85
N GLN B 170 -14.62 -16.38 7.05
CA GLN B 170 -15.54 -16.68 8.15
C GLN B 170 -14.83 -16.69 9.49
N ASP B 171 -13.51 -16.92 9.50
CA ASP B 171 -12.73 -16.96 10.73
C ASP B 171 -11.30 -16.60 10.35
N THR B 172 -10.79 -15.50 10.91
CA THR B 172 -9.43 -15.06 10.65
C THR B 172 -8.46 -15.45 11.75
N SER B 173 -8.91 -16.18 12.78
CA SER B 173 -8.05 -16.45 13.92
C SER B 173 -6.84 -17.29 13.56
N ALA B 174 -6.94 -18.11 12.51
CA ALA B 174 -5.83 -18.93 12.05
C ALA B 174 -5.15 -18.37 10.80
N PHE B 175 -5.63 -17.25 10.28
CA PHE B 175 -5.02 -16.63 9.10
C PHE B 175 -3.66 -16.04 9.47
#